data_3OMF
#
_entry.id   3OMF
#
_cell.length_a   53.580
_cell.length_b   60.630
_cell.length_c   67.880
_cell.angle_alpha   90.000
_cell.angle_beta   90.000
_cell.angle_gamma   90.000
#
_symmetry.space_group_name_H-M   'C 2 2 21'
#
loop_
_entity.id
_entity.type
_entity.pdbx_description
1 polymer 'Putative histidine triad family protein'
2 non-polymer 'ZINC ION'
3 non-polymer 'ADENOSINE MONOPHOSPHATE'
4 water water
#
_entity_poly.entity_id   1
_entity_poly.type   'polypeptide(L)'
_entity_poly.pdbx_seq_one_letter_code
;GPGSMADSCIFCKIAQKQIPSTIVYEDDEIFAFKDINPIAPIHILVIPKQHIASLNEITEENEAFIGKVLYKVSLIGKKE
CPEGYRVVNNIGEDAGQTVKHIHFHILGGKKLAWDKL
;
_entity_poly.pdbx_strand_id   A
#
# COMPACT_ATOMS: atom_id res chain seq x y z
N ASP A 7 -12.76 -4.16 -14.31
CA ASP A 7 -14.05 -3.46 -14.66
C ASP A 7 -14.72 -2.79 -13.42
N SER A 8 -14.50 -3.32 -12.21
CA SER A 8 -15.25 -2.96 -11.00
C SER A 8 -14.46 -2.37 -9.81
N CYS A 9 -13.20 -2.79 -9.66
CA CYS A 9 -12.40 -2.46 -8.49
C CYS A 9 -11.68 -1.13 -8.62
N ILE A 10 -11.93 -0.21 -7.70
CA ILE A 10 -11.32 1.11 -7.75
C ILE A 10 -9.77 1.09 -7.81
N PHE A 11 -9.14 0.17 -7.08
CA PHE A 11 -7.68 0.13 -7.07
C PHE A 11 -7.12 -0.57 -8.31
N CYS A 12 -7.82 -1.54 -8.85
CA CYS A 12 -7.46 -2.11 -10.14
C CYS A 12 -7.46 -1.00 -11.21
N LYS A 13 -8.44 -0.11 -11.12
CA LYS A 13 -8.58 0.96 -12.12
C LYS A 13 -7.53 2.03 -11.94
N ILE A 14 -7.27 2.43 -10.71
CA ILE A 14 -6.16 3.32 -10.41
C ILE A 14 -4.82 2.75 -10.93
N ALA A 15 -4.58 1.45 -10.72
CA ALA A 15 -3.38 0.77 -11.20
C ALA A 15 -3.20 0.81 -12.71
N GLN A 16 -4.32 0.84 -13.43
CA GLN A 16 -4.31 0.91 -14.89
C GLN A 16 -4.51 2.35 -15.42
N LYS A 17 -4.49 3.31 -14.49
CA LYS A 17 -4.59 4.73 -14.79
C LYS A 17 -5.91 5.07 -15.47
N GLN A 18 -6.94 4.32 -15.12
CA GLN A 18 -8.29 4.57 -15.58
C GLN A 18 -9.01 5.53 -14.65
N ILE A 19 -8.50 5.66 -13.41
CA ILE A 19 -8.93 6.63 -12.40
C ILE A 19 -7.64 7.31 -11.97
N PRO A 20 -7.65 8.65 -11.83
CA PRO A 20 -6.38 9.35 -11.60
C PRO A 20 -5.79 9.19 -10.20
N SER A 21 -4.48 9.33 -10.12
CA SER A 21 -3.76 9.33 -8.86
C SER A 21 -2.46 10.08 -9.00
N THR A 22 -1.85 10.42 -7.88
CA THR A 22 -0.53 11.00 -7.89
C THR A 22 0.46 9.86 -7.71
N ILE A 23 1.18 9.54 -8.78
CA ILE A 23 1.96 8.31 -8.84
C ILE A 23 3.32 8.57 -8.21
N VAL A 24 3.72 7.64 -7.33
CA VAL A 24 5.01 7.64 -6.67
C VAL A 24 5.98 6.68 -7.37
N TYR A 25 5.49 5.51 -7.76
CA TYR A 25 6.27 4.49 -8.45
C TYR A 25 5.33 3.51 -9.12
N GLU A 26 5.73 2.98 -10.26
CA GLU A 26 5.06 1.82 -10.82
C GLU A 26 6.01 0.95 -11.63
N ASP A 27 5.67 -0.33 -11.69
CA ASP A 27 6.35 -1.28 -12.56
C ASP A 27 5.33 -2.31 -13.07
N ASP A 28 5.81 -3.38 -13.71
CA ASP A 28 4.89 -4.35 -14.29
C ASP A 28 4.06 -5.05 -13.22
N GLU A 29 4.51 -5.01 -11.97
CA GLU A 29 3.86 -5.77 -10.90
C GLU A 29 3.15 -4.94 -9.85
N ILE A 30 3.66 -3.76 -9.56
CA ILE A 30 3.09 -2.93 -8.53
C ILE A 30 2.84 -1.48 -8.95
N PHE A 31 2.05 -0.79 -8.15
CA PHE A 31 1.65 0.58 -8.41
C PHE A 31 1.55 1.28 -7.04
N ALA A 32 2.26 2.41 -6.91
CA ALA A 32 2.28 3.16 -5.67
C ALA A 32 1.87 4.59 -5.92
N PHE A 33 1.04 5.12 -5.03
CA PHE A 33 0.45 6.43 -5.22
C PHE A 33 0.15 7.08 -3.88
N LYS A 34 -0.02 8.40 -3.90
CA LYS A 34 -0.29 9.14 -2.67
C LYS A 34 -1.72 8.90 -2.18
N ASP A 35 -1.86 8.70 -0.86
CA ASP A 35 -3.16 8.61 -0.22
C ASP A 35 -3.80 10.00 -0.31
N ILE A 36 -5.07 10.05 -0.72
CA ILE A 36 -5.72 11.36 -0.89
CA ILE A 36 -5.75 11.34 -0.89
C ILE A 36 -6.27 11.92 0.41
N ASN A 37 -6.22 11.12 1.48
CA ASN A 37 -6.68 11.54 2.81
C ASN A 37 -5.64 11.14 3.83
N PRO A 38 -4.44 11.74 3.73
CA PRO A 38 -3.34 11.21 4.52
C PRO A 38 -3.48 11.43 6.02
N ILE A 39 -2.86 10.54 6.78
CA ILE A 39 -2.75 10.69 8.24
C ILE A 39 -1.33 10.94 8.71
N ALA A 40 -0.42 11.13 7.77
CA ALA A 40 0.98 11.48 8.03
C ALA A 40 1.49 12.31 6.86
N PRO A 41 2.57 13.10 7.06
CA PRO A 41 3.12 13.97 6.01
C PRO A 41 3.60 13.24 4.76
N ILE A 42 4.03 11.99 4.92
CA ILE A 42 4.25 11.07 3.81
C ILE A 42 3.30 9.89 4.04
N HIS A 43 2.41 9.67 3.08
CA HIS A 43 1.40 8.60 3.17
C HIS A 43 1.17 8.08 1.77
N ILE A 44 1.74 6.90 1.51
CA ILE A 44 1.77 6.29 0.20
C ILE A 44 1.06 4.95 0.29
N LEU A 45 0.28 4.61 -0.75
CA LEU A 45 -0.33 3.30 -0.87
C LEU A 45 0.42 2.52 -1.95
N VAL A 46 0.74 1.27 -1.62
CA VAL A 46 1.40 0.35 -2.55
C VAL A 46 0.49 -0.85 -2.77
N ILE A 47 0.10 -1.07 -4.03
CA ILE A 47 -0.76 -2.18 -4.39
C ILE A 47 -0.11 -3.06 -5.46
N PRO A 48 -0.40 -4.37 -5.42
CA PRO A 48 -0.13 -5.17 -6.60
C PRO A 48 -1.08 -4.74 -7.72
N LYS A 49 -0.64 -4.79 -8.97
CA LYS A 49 -1.57 -4.51 -10.07
C LYS A 49 -2.65 -5.59 -10.16
N GLN A 50 -2.26 -6.84 -9.89
CA GLN A 50 -3.22 -7.94 -9.86
C GLN A 50 -4.14 -7.84 -8.65
N HIS A 51 -5.40 -8.24 -8.86
CA HIS A 51 -6.39 -8.12 -7.82
C HIS A 51 -6.22 -9.26 -6.81
N ILE A 52 -5.85 -8.89 -5.58
CA ILE A 52 -5.86 -9.80 -4.44
C ILE A 52 -6.62 -9.02 -3.34
N ALA A 53 -7.67 -9.63 -2.79
CA ALA A 53 -8.64 -8.90 -1.99
C ALA A 53 -8.11 -8.39 -0.64
N SER A 54 -7.32 -9.21 0.05
CA SER A 54 -6.78 -8.85 1.35
C SER A 54 -5.65 -9.79 1.68
N LEU A 55 -5.00 -9.55 2.83
CA LEU A 55 -3.95 -10.46 3.31
C LEU A 55 -4.47 -11.86 3.59
N ASN A 56 -5.76 -11.98 3.87
CA ASN A 56 -6.36 -13.31 4.09
C ASN A 56 -6.44 -14.15 2.84
N GLU A 57 -6.14 -13.55 1.67
CA GLU A 57 -6.07 -14.27 0.42
C GLU A 57 -4.66 -14.68 0.05
N ILE A 58 -3.69 -14.47 0.94
CA ILE A 58 -2.34 -15.02 0.70
C ILE A 58 -2.43 -16.54 0.92
N THR A 59 -1.72 -17.28 0.07
CA THR A 59 -1.71 -18.73 0.08
C THR A 59 -0.25 -19.18 0.05
N GLU A 60 0.01 -20.46 0.33
CA GLU A 60 1.39 -20.94 0.25
C GLU A 60 1.92 -20.74 -1.16
N GLU A 61 1.02 -20.71 -2.13
CA GLU A 61 1.38 -20.64 -3.54
C GLU A 61 1.65 -19.22 -4.06
N ASN A 62 1.13 -18.18 -3.41
CA ASN A 62 1.44 -16.78 -3.79
C ASN A 62 2.25 -16.02 -2.74
N GLU A 63 2.71 -16.73 -1.73
CA GLU A 63 3.45 -16.11 -0.63
C GLU A 63 4.78 -15.52 -1.12
N ALA A 64 5.45 -16.15 -2.07
CA ALA A 64 6.67 -15.56 -2.63
C ALA A 64 6.38 -14.21 -3.29
N PHE A 65 5.29 -14.12 -4.06
CA PHE A 65 4.89 -12.87 -4.71
C PHE A 65 4.62 -11.75 -3.70
N ILE A 66 3.89 -12.07 -2.63
CA ILE A 66 3.65 -11.06 -1.58
C ILE A 66 4.94 -10.63 -0.86
N GLY A 67 5.89 -11.54 -0.73
CA GLY A 67 7.22 -11.19 -0.22
C GLY A 67 7.93 -10.17 -1.13
N LYS A 68 7.79 -10.39 -2.44
CA LYS A 68 8.37 -9.44 -3.42
C LYS A 68 7.68 -8.08 -3.32
N VAL A 69 6.36 -8.09 -3.13
CA VAL A 69 5.63 -6.82 -2.96
C VAL A 69 6.15 -6.12 -1.71
N LEU A 70 6.29 -6.86 -0.60
CA LEU A 70 6.81 -6.24 0.63
CA LEU A 70 6.83 -6.26 0.64
C LEU A 70 8.25 -5.73 0.45
N TYR A 71 9.05 -6.44 -0.36
CA TYR A 71 10.42 -5.98 -0.64
C TYR A 71 10.36 -4.64 -1.35
N LYS A 72 9.50 -4.55 -2.34
CA LYS A 72 9.34 -3.28 -3.07
C LYS A 72 8.76 -2.17 -2.19
N VAL A 73 7.87 -2.52 -1.27
CA VAL A 73 7.44 -1.59 -0.23
C VAL A 73 8.65 -1.02 0.56
N SER A 74 9.61 -1.87 0.92
CA SER A 74 10.78 -1.41 1.66
C SER A 74 11.69 -0.50 0.83
N LEU A 75 11.80 -0.79 -0.47
CA LEU A 75 12.61 0.05 -1.35
C LEU A 75 11.99 1.42 -1.50
N ILE A 76 10.67 1.48 -1.61
CA ILE A 76 9.95 2.76 -1.68
C ILE A 76 10.10 3.50 -0.36
N GLY A 77 9.83 2.81 0.74
CA GLY A 77 9.94 3.42 2.06
C GLY A 77 11.30 3.98 2.39
N LYS A 78 12.37 3.21 2.13
CA LYS A 78 13.73 3.70 2.48
C LYS A 78 14.15 4.91 1.64
N LYS A 79 13.61 5.01 0.43
CA LYS A 79 13.87 6.16 -0.42
C LYS A 79 13.06 7.37 0.03
N GLU A 80 11.75 7.20 0.17
CA GLU A 80 10.87 8.34 0.48
C GLU A 80 10.99 8.76 1.97
N CYS A 81 11.35 7.81 2.82
CA CYS A 81 11.40 8.01 4.25
C CYS A 81 12.71 7.53 4.90
N PRO A 82 13.84 8.21 4.57
CA PRO A 82 15.14 7.83 5.11
C PRO A 82 15.25 7.90 6.65
N GLU A 83 14.40 8.66 7.31
CA GLU A 83 14.41 8.80 8.76
CA GLU A 83 14.47 8.73 8.77
C GLU A 83 13.52 7.73 9.44
N GLY A 84 12.90 6.88 8.62
CA GLY A 84 12.06 5.79 9.14
C GLY A 84 10.62 5.88 8.67
N TYR A 85 9.95 4.73 8.68
CA TYR A 85 8.60 4.62 8.15
C TYR A 85 7.88 3.44 8.76
N ARG A 86 6.55 3.53 8.75
CA ARG A 86 5.66 2.49 9.25
C ARG A 86 4.86 1.93 8.07
N VAL A 87 4.71 0.61 8.04
CA VAL A 87 3.94 -0.07 7.03
C VAL A 87 2.72 -0.68 7.72
N VAL A 88 1.54 -0.45 7.16
CA VAL A 88 0.26 -0.90 7.74
C VAL A 88 -0.55 -1.59 6.68
N ASN A 89 -1.17 -2.70 7.06
CA ASN A 89 -2.15 -3.38 6.24
C ASN A 89 -3.37 -3.73 7.08
N ASN A 90 -4.55 -3.42 6.52
CA ASN A 90 -5.85 -3.59 7.18
C ASN A 90 -6.60 -4.72 6.54
N ILE A 91 -7.05 -5.66 7.35
CA ILE A 91 -7.82 -6.81 6.90
C ILE A 91 -9.20 -6.79 7.58
N GLY A 92 -10.25 -6.61 6.79
CA GLY A 92 -11.63 -6.74 7.26
C GLY A 92 -12.16 -5.61 8.10
N GLU A 93 -13.27 -5.89 8.76
CA GLU A 93 -14.12 -4.84 9.32
C GLU A 93 -13.52 -4.15 10.52
N ASP A 94 -12.99 -4.90 11.48
CA ASP A 94 -12.42 -4.27 12.68
C ASP A 94 -11.22 -3.39 12.35
N ALA A 95 -10.48 -3.73 11.29
CA ALA A 95 -9.32 -2.91 10.86
C ALA A 95 -9.76 -1.73 9.98
N GLY A 96 -11.03 -1.71 9.59
CA GLY A 96 -11.57 -0.65 8.75
C GLY A 96 -11.20 -0.75 7.29
N GLN A 97 -10.90 -1.95 6.81
CA GLN A 97 -10.54 -2.12 5.40
C GLN A 97 -11.70 -1.64 4.53
N THR A 98 -11.42 -0.67 3.68
CA THR A 98 -12.40 -0.13 2.76
C THR A 98 -12.29 -0.88 1.44
N VAL A 99 -11.25 -0.62 0.67
CA VAL A 99 -11.17 -1.20 -0.64
C VAL A 99 -10.66 -2.64 -0.51
N LYS A 100 -11.37 -3.57 -1.15
CA LYS A 100 -10.99 -4.99 -1.08
C LYS A 100 -10.02 -5.35 -2.22
N HIS A 101 -8.88 -4.67 -2.20
CA HIS A 101 -7.76 -4.91 -3.07
C HIS A 101 -6.59 -4.56 -2.18
N ILE A 102 -5.72 -5.54 -1.95
CA ILE A 102 -4.68 -5.42 -0.94
C ILE A 102 -3.82 -4.18 -1.19
N HIS A 103 -3.64 -3.39 -0.13
CA HIS A 103 -2.85 -2.14 -0.17
C HIS A 103 -2.05 -1.94 1.12
N PHE A 104 -0.75 -1.76 0.95
CA PHE A 104 0.15 -1.41 2.04
C PHE A 104 0.26 0.09 2.17
N HIS A 105 0.04 0.60 3.37
CA HIS A 105 0.29 1.99 3.69
C HIS A 105 1.76 2.15 4.09
N ILE A 106 2.44 3.12 3.47
CA ILE A 106 3.74 3.59 3.93
C ILE A 106 3.54 4.98 4.54
N LEU A 107 3.89 5.10 5.83
CA LEU A 107 3.67 6.29 6.60
C LEU A 107 4.98 6.84 7.16
N GLY A 108 5.18 8.14 7.05
CA GLY A 108 6.43 8.74 7.55
C GLY A 108 6.43 10.25 7.48
N GLY A 109 7.63 10.82 7.58
CA GLY A 109 7.79 12.26 7.48
C GLY A 109 7.72 13.02 8.81
N LYS A 110 7.49 12.30 9.90
CA LYS A 110 7.47 12.83 11.26
C LYS A 110 7.68 11.69 12.25
N LYS A 111 7.88 12.02 13.51
CA LYS A 111 7.85 10.99 14.56
C LYS A 111 6.40 10.59 14.75
N LEU A 112 6.08 9.38 14.32
CA LEU A 112 4.70 8.93 14.20
C LEU A 112 4.18 8.53 15.58
N ALA A 113 2.95 8.94 15.91
CA ALA A 113 2.33 8.57 17.18
C ALA A 113 2.19 7.04 17.35
N TRP A 114 2.11 6.59 18.60
CA TRP A 114 1.73 5.22 18.89
C TRP A 114 0.72 5.29 20.01
N ASP A 115 -0.55 5.39 19.62
CA ASP A 115 -1.65 5.64 20.53
C ASP A 115 -2.56 4.42 20.58
N LYS A 116 -3.35 4.36 21.64
CA LYS A 116 -4.31 3.27 21.81
C LYS A 116 -5.26 3.30 20.65
N LEU A 117 -5.63 2.12 20.17
CA LEU A 117 -6.50 1.98 19.03
C LEU A 117 -7.93 1.74 19.49
#